data_3SZ0
#
_entry.id   3SZ0
#
_cell.length_a   149.900
_cell.length_b   149.900
_cell.length_c   81.890
_cell.angle_alpha   90.00
_cell.angle_beta   90.00
_cell.angle_gamma   120.00
#
_symmetry.space_group_name_H-M   'P 62 2 2'
#
loop_
_entity.id
_entity.type
_entity.pdbx_description
1 polymer 'Sulfide-quinone reductase, putative'
2 non-polymer 'FLAVIN-ADENINE DINUCLEOTIDE'
3 non-polymer DODECYL-BETA-D-MALTOSIDE
4 non-polymer 'SULFATE ION'
5 non-polymer triselane
6 non-polymer 'SELENIUM ATOM'
7 water water
#
_entity_poly.entity_id   1
_entity_poly.type   'polypeptide(L)'
_entity_poly.pdbx_seq_one_letter_code
;MRGSAHVVILGAGTGGMPAAYEMKEALGSGHEVTLISANDYFQFVPSNPWVGVGWKERDDIAFPIRHYVERKGIHFIAQS
AEQIDAEAQNITLADGNTVHYDYLMIATGPKLAFENVPGSDPHEGPVQSICTVDHAERAFAEYQALLREPGPIVIGAMAG
ASCFGPAYEYAMIVASDLKKRGMRDKIPSFTFITSEPYIGHLGIQGVGDSKGILTKGLKEEGIEAYTNCKVTKVEDNKMY
VTQVDEKGETIKEMVLPVKFGMMIPAFKGVPAVAGVEGLCNPGGFVLVDEHQRSKKYANIFAAGIAIAIPPVETTPVPTG
APKTGYMIESMVSAAVHNIKADLEGRKGEQTMGTWNAVCFADMGDRGAAFIALPQLKPRKVDVFAYGRWVHLAKVAFEKY
FIRKMKMGVSEPFYEKVLFKMMGITRLKEEDTHRKAS
;
_entity_poly.pdbx_strand_id   A
#
# COMPACT_ATOMS: atom_id res chain seq x y z
N MET A 1 11.30 28.09 11.61
CA MET A 1 11.35 29.48 12.03
C MET A 1 11.49 30.43 10.83
N ARG A 2 11.23 31.71 11.06
CA ARG A 2 11.27 32.71 10.00
C ARG A 2 12.63 32.73 9.31
N GLY A 3 12.62 32.54 7.99
CA GLY A 3 13.85 32.54 7.21
C GLY A 3 14.62 31.24 7.35
N SER A 4 14.11 30.34 8.17
CA SER A 4 14.75 29.05 8.34
C SER A 4 13.67 28.00 8.53
N ALA A 5 12.80 27.90 7.52
CA ALA A 5 11.64 27.01 7.57
C ALA A 5 11.94 25.64 8.17
N HIS A 6 11.02 25.18 9.01
CA HIS A 6 11.08 23.83 9.55
C HIS A 6 10.08 22.93 8.82
N VAL A 7 10.59 21.97 8.05
CA VAL A 7 9.75 21.06 7.27
C VAL A 7 9.63 19.70 7.96
N VAL A 8 8.39 19.27 8.20
CA VAL A 8 8.14 18.00 8.85
C VAL A 8 7.55 17.00 7.86
N ILE A 9 8.12 15.80 7.85
CA ILE A 9 7.58 14.71 7.06
C ILE A 9 6.93 13.68 7.98
N LEU A 10 5.65 13.44 7.77
CA LEU A 10 4.88 12.56 8.62
C LEU A 10 4.72 11.19 7.96
N GLY A 11 5.43 10.19 8.48
CA GLY A 11 5.36 8.84 7.94
C GLY A 11 6.63 8.45 7.21
N ALA A 12 7.28 7.36 7.65
CA ALA A 12 8.52 6.92 7.06
C ALA A 12 8.37 5.61 6.28
N GLY A 13 7.63 5.68 5.17
CA GLY A 13 7.33 4.52 4.34
C GLY A 13 7.87 4.72 2.94
N THR A 14 7.19 4.13 1.96
CA THR A 14 7.64 4.23 0.56
C THR A 14 7.76 5.66 0.02
N GLY A 15 6.84 6.54 0.41
CA GLY A 15 6.92 7.93 0.01
C GLY A 15 7.67 8.77 1.02
N GLY A 16 7.42 8.52 2.30
CA GLY A 16 7.96 9.34 3.37
C GLY A 16 9.48 9.28 3.55
N MET A 17 10.03 8.07 3.52
CA MET A 17 11.47 7.90 3.65
C MET A 17 12.23 8.67 2.58
N PRO A 18 11.93 8.41 1.31
CA PRO A 18 12.62 9.17 0.28
C PRO A 18 12.30 10.67 0.39
N ALA A 19 11.09 11.00 0.82
CA ALA A 19 10.72 12.41 0.93
C ALA A 19 11.67 13.15 1.87
N ALA A 20 12.01 12.51 2.98
CA ALA A 20 12.88 13.14 3.97
C ALA A 20 14.26 13.43 3.41
N TYR A 21 14.84 12.44 2.74
CA TYR A 21 16.14 12.63 2.11
C TYR A 21 16.06 13.72 1.05
N GLU A 22 15.06 13.64 0.16
CA GLU A 22 14.95 14.60 -0.94
C GLU A 22 14.76 16.00 -0.42
N MET A 23 13.96 16.13 0.63
CA MET A 23 13.70 17.42 1.22
C MET A 23 14.99 18.02 1.77
N LYS A 24 15.69 17.27 2.62
CA LYS A 24 16.93 17.77 3.20
C LYS A 24 17.92 18.17 2.12
N GLU A 25 18.04 17.32 1.10
CA GLU A 25 18.96 17.56 -0.01
C GLU A 25 18.59 18.83 -0.76
N ALA A 26 17.30 19.06 -0.93
CA ALA A 26 16.81 20.24 -1.66
C ALA A 26 16.91 21.52 -0.82
N LEU A 27 16.75 21.41 0.48
CA LEU A 27 16.70 22.59 1.34
C LEU A 27 18.08 22.97 1.86
N GLY A 28 18.90 21.96 2.13
CA GLY A 28 20.25 22.23 2.58
C GLY A 28 20.35 22.56 4.05
N SER A 29 21.52 23.06 4.45
CA SER A 29 21.86 23.20 5.87
C SER A 29 21.08 24.27 6.63
N GLY A 30 20.43 25.19 5.90
CA GLY A 30 19.74 26.29 6.54
C GLY A 30 18.28 26.05 6.85
N HIS A 31 17.85 24.80 6.73
CA HIS A 31 16.47 24.43 7.04
C HIS A 31 16.45 23.12 7.83
N GLU A 32 15.56 23.05 8.81
CA GLU A 32 15.41 21.85 9.62
C GLU A 32 14.43 20.88 8.97
N VAL A 33 14.89 19.65 8.71
CA VAL A 33 14.00 18.60 8.22
C VAL A 33 13.84 17.51 9.28
N THR A 34 12.59 17.28 9.68
CA THR A 34 12.26 16.30 10.71
C THR A 34 11.35 15.22 10.12
N LEU A 35 11.75 13.97 10.31
CA LEU A 35 10.91 12.81 9.92
C LEU A 35 10.27 12.17 11.15
N ILE A 36 8.95 12.07 11.14
CA ILE A 36 8.19 11.50 12.26
C ILE A 36 7.42 10.28 11.80
N SER A 37 7.62 9.15 12.47
CA SER A 37 6.92 7.93 12.07
C SER A 37 6.62 7.06 13.27
N ALA A 38 5.54 6.30 13.14
CA ALA A 38 5.02 5.42 14.19
C ALA A 38 6.00 4.33 14.59
N ASN A 39 6.72 3.77 13.61
CA ASN A 39 7.72 2.74 13.90
C ASN A 39 9.11 3.31 13.77
N ASP A 40 10.07 2.69 14.46
CA ASP A 40 11.46 3.13 14.36
C ASP A 40 12.18 2.41 13.20
N TYR A 41 11.45 1.64 12.41
CA TYR A 41 12.07 0.90 11.34
C TYR A 41 11.33 1.11 10.02
N PHE A 42 12.06 0.99 8.92
CA PHE A 42 11.49 1.04 7.58
C PHE A 42 11.24 -0.40 7.13
N GLN A 43 10.19 -0.59 6.36
CA GLN A 43 9.89 -1.90 5.81
C GLN A 43 9.56 -1.77 4.34
N PHE A 44 10.02 -2.74 3.54
CA PHE A 44 9.73 -2.76 2.13
C PHE A 44 8.44 -3.56 1.92
N VAL A 45 7.30 -2.85 1.82
CA VAL A 45 6.02 -3.54 1.90
C VAL A 45 5.67 -4.57 0.80
N PRO A 46 6.14 -4.37 -0.45
CA PRO A 46 5.91 -5.37 -1.50
C PRO A 46 6.46 -6.75 -1.18
N SER A 47 7.30 -6.83 -0.15
CA SER A 47 7.86 -8.11 0.25
C SER A 47 7.01 -8.81 1.31
N ASN A 48 6.00 -8.11 1.82
CA ASN A 48 5.20 -8.68 2.90
C ASN A 48 4.50 -10.01 2.56
N PRO A 49 3.90 -10.13 1.36
CA PRO A 49 3.29 -11.41 1.01
C PRO A 49 4.26 -12.58 1.14
N TRP A 50 5.51 -12.37 0.74
CA TRP A 50 6.50 -13.46 0.88
C TRP A 50 6.79 -13.74 2.34
N VAL A 51 6.78 -12.70 3.18
CA VAL A 51 6.97 -12.93 4.59
C VAL A 51 5.79 -13.75 5.11
N GLY A 52 4.60 -13.43 4.62
CA GLY A 52 3.37 -14.10 5.04
C GLY A 52 3.30 -15.59 4.71
N VAL A 53 4.10 -16.02 3.74
CA VAL A 53 4.16 -17.45 3.43
C VAL A 53 5.49 -18.06 3.91
N GLY A 54 6.35 -17.22 4.47
CA GLY A 54 7.61 -17.69 5.04
C GLY A 54 8.75 -17.78 4.05
N TRP A 55 8.61 -17.14 2.90
CA TRP A 55 9.68 -17.11 1.92
C TRP A 55 10.70 -16.01 2.21
N LYS A 56 10.30 -15.04 3.01
CA LYS A 56 11.19 -13.97 3.47
C LYS A 56 11.07 -13.79 4.98
N GLU A 57 12.12 -13.25 5.58
CA GLU A 57 12.04 -12.91 7.00
C GLU A 57 12.16 -11.41 7.17
N ARG A 58 11.61 -10.93 8.29
CA ARG A 58 11.62 -9.52 8.64
C ARG A 58 12.99 -8.91 8.47
N ASP A 59 14.02 -9.63 8.92
CA ASP A 59 15.39 -9.13 8.88
C ASP A 59 15.85 -8.78 7.46
N ASP A 60 15.27 -9.43 6.46
CA ASP A 60 15.67 -9.19 5.09
C ASP A 60 15.03 -7.92 4.51
N ILE A 61 13.85 -7.56 5.01
CA ILE A 61 13.07 -6.50 4.37
C ILE A 61 12.87 -5.27 5.23
N ALA A 62 13.49 -5.25 6.41
CA ALA A 62 13.28 -4.13 7.33
C ALA A 62 14.54 -3.76 8.07
N PHE A 63 14.70 -2.48 8.34
CA PHE A 63 15.86 -2.00 9.06
C PHE A 63 15.51 -0.76 9.89
N PRO A 64 16.24 -0.54 10.99
CA PRO A 64 15.99 0.65 11.81
C PRO A 64 16.40 1.92 11.07
N ILE A 65 15.62 2.97 11.23
CA ILE A 65 15.75 4.20 10.45
C ILE A 65 16.81 5.20 10.96
N ARG A 66 16.86 5.41 12.27
CA ARG A 66 17.55 6.54 12.88
C ARG A 66 18.91 6.89 12.28
N HIS A 67 19.85 5.96 12.35
CA HIS A 67 21.21 6.19 11.90
C HIS A 67 21.29 6.67 10.45
N TYR A 68 20.50 6.07 9.57
CA TYR A 68 20.55 6.42 8.15
C TYR A 68 20.06 7.83 7.83
N VAL A 69 19.00 8.28 8.50
CA VAL A 69 18.51 9.63 8.25
C VAL A 69 19.34 10.67 9.03
N GLU A 70 19.77 10.31 10.24
CA GLU A 70 20.51 11.25 11.07
C GLU A 70 21.87 11.59 10.48
N ARG A 71 22.49 10.61 9.82
CA ARG A 71 23.80 10.83 9.23
C ARG A 71 23.67 11.80 8.06
N LYS A 72 22.43 12.06 7.67
CA LYS A 72 22.15 12.96 6.56
C LYS A 72 21.62 14.31 7.03
N GLY A 73 21.60 14.53 8.35
CA GLY A 73 21.15 15.78 8.92
C GLY A 73 19.66 15.84 9.21
N ILE A 74 18.99 14.69 9.13
CA ILE A 74 17.54 14.63 9.34
C ILE A 74 17.24 14.22 10.77
N HIS A 75 16.34 14.95 11.44
CA HIS A 75 15.92 14.58 12.77
C HIS A 75 14.82 13.52 12.69
N PHE A 76 14.95 12.46 13.49
CA PHE A 76 14.00 11.36 13.48
C PHE A 76 13.30 11.19 14.83
N ILE A 77 11.97 11.19 14.79
CA ILE A 77 11.19 10.98 15.99
C ILE A 77 10.36 9.73 15.79
N ALA A 78 10.70 8.66 16.51
CA ALA A 78 10.01 7.38 16.35
C ALA A 78 8.79 7.34 17.23
N GLN A 79 7.82 8.16 16.87
CA GLN A 79 6.63 8.39 17.67
C GLN A 79 5.45 8.58 16.74
N SER A 80 4.30 8.04 17.10
CA SER A 80 3.12 8.30 16.30
C SER A 80 2.47 9.66 16.59
N ALA A 81 2.11 10.39 15.53
CA ALA A 81 1.29 11.61 15.67
C ALA A 81 -0.15 11.23 15.99
N GLU A 82 -0.72 11.87 17.00
CA GLU A 82 -2.07 11.56 17.44
C GLU A 82 -3.03 12.66 17.04
N GLN A 83 -2.50 13.86 16.96
CA GLN A 83 -3.32 15.02 16.66
C GLN A 83 -2.54 15.99 15.81
N ILE A 84 -3.21 16.63 14.86
CA ILE A 84 -2.60 17.67 14.06
C ILE A 84 -3.48 18.90 14.13
N ASP A 85 -2.94 19.98 14.68
CA ASP A 85 -3.62 21.27 14.70
C ASP A 85 -3.10 22.11 13.54
N ALA A 86 -3.84 22.15 12.44
CA ALA A 86 -3.39 22.84 11.24
C ALA A 86 -3.36 24.37 11.40
N GLU A 87 -4.13 24.90 12.34
CA GLU A 87 -4.17 26.33 12.58
C GLU A 87 -2.91 26.79 13.31
N ALA A 88 -2.64 26.20 14.46
CA ALA A 88 -1.43 26.51 15.23
C ALA A 88 -0.20 25.81 14.65
N GLN A 89 -0.43 24.94 13.67
CA GLN A 89 0.66 24.21 13.01
C GLN A 89 1.46 23.39 14.02
N ASN A 90 0.74 22.70 14.90
CA ASN A 90 1.34 21.83 15.92
C ASN A 90 0.91 20.38 15.73
N ILE A 91 1.86 19.48 15.86
CA ILE A 91 1.56 18.05 15.86
C ILE A 91 1.74 17.52 17.27
N THR A 92 0.74 16.81 17.78
CA THR A 92 0.85 16.18 19.09
C THR A 92 1.20 14.70 18.96
N LEU A 93 2.32 14.32 19.58
CA LEU A 93 2.79 12.96 19.53
C LEU A 93 2.17 12.07 20.61
N ALA A 94 2.30 10.76 20.44
CA ALA A 94 1.77 9.77 21.37
C ALA A 94 2.16 10.04 22.80
N ASP A 95 3.42 10.40 23.03
CA ASP A 95 3.91 10.63 24.38
C ASP A 95 3.52 12.00 24.92
N GLY A 96 2.78 12.77 24.12
CA GLY A 96 2.29 14.05 24.58
C GLY A 96 3.13 15.26 24.19
N ASN A 97 4.34 15.03 23.70
CA ASN A 97 5.16 16.12 23.18
C ASN A 97 4.54 16.74 21.94
N THR A 98 4.82 18.03 21.70
CA THR A 98 4.27 18.65 20.50
C THR A 98 5.38 19.16 19.58
N VAL A 99 5.17 19.05 18.28
CA VAL A 99 6.15 19.48 17.31
C VAL A 99 5.55 20.51 16.38
N HIS A 100 6.23 21.64 16.24
CA HIS A 100 5.77 22.72 15.39
C HIS A 100 6.34 22.57 13.98
N TYR A 101 5.63 23.05 12.98
CA TYR A 101 6.13 22.99 11.62
C TYR A 101 5.81 24.28 10.87
N ASP A 102 6.65 24.61 9.89
CA ASP A 102 6.30 25.64 8.93
C ASP A 102 5.66 24.99 7.70
N TYR A 103 6.24 23.89 7.24
CA TYR A 103 5.58 23.04 6.25
C TYR A 103 5.43 21.59 6.73
N LEU A 104 4.33 20.97 6.33
CA LEU A 104 4.06 19.59 6.71
C LEU A 104 3.86 18.77 5.45
N MET A 105 4.62 17.69 5.31
CA MET A 105 4.33 16.72 4.26
C MET A 105 3.77 15.41 4.81
N ILE A 106 2.50 15.18 4.52
CA ILE A 106 1.81 14.03 5.03
C ILE A 106 2.08 12.82 4.13
N ALA A 107 2.73 11.81 4.70
CA ALA A 107 2.99 10.56 3.99
C ALA A 107 2.58 9.37 4.84
N THR A 108 1.36 9.41 5.38
CA THR A 108 0.98 8.44 6.42
C THR A 108 0.42 7.10 5.91
N GLY A 109 0.30 6.94 4.60
CA GLY A 109 -0.21 5.69 4.03
C GLY A 109 -1.63 5.33 4.48
N PRO A 110 -1.94 4.04 4.47
CA PRO A 110 -3.33 3.65 4.74
C PRO A 110 -3.58 3.28 6.21
N LYS A 111 -4.75 3.64 6.72
CA LYS A 111 -5.31 2.94 7.86
C LYS A 111 -5.99 1.68 7.32
N LEU A 112 -5.69 0.54 7.93
CA LEU A 112 -6.27 -0.72 7.50
C LEU A 112 -7.63 -0.83 8.17
N ALA A 113 -8.69 -0.71 7.40
CA ALA A 113 -10.01 -0.52 7.97
C ALA A 113 -10.71 -1.85 8.27
N PHE A 114 -10.14 -2.63 9.18
CA PHE A 114 -10.71 -3.91 9.58
C PHE A 114 -12.08 -3.70 10.19
N GLU A 115 -12.29 -2.53 10.79
CA GLU A 115 -13.55 -2.22 11.44
C GLU A 115 -14.73 -2.28 10.45
N ASN A 116 -14.45 -2.14 9.15
CA ASN A 116 -15.50 -2.28 8.15
C ASN A 116 -16.19 -3.64 8.19
N VAL A 117 -15.44 -4.66 8.57
CA VAL A 117 -15.96 -6.03 8.67
C VAL A 117 -15.72 -6.61 10.07
N PRO A 118 -16.76 -6.57 10.92
CA PRO A 118 -16.69 -7.12 12.28
C PRO A 118 -16.05 -8.51 12.32
N GLY A 119 -15.10 -8.71 13.24
CA GLY A 119 -14.35 -9.95 13.35
C GLY A 119 -13.21 -10.15 12.34
N SER A 120 -13.00 -9.21 11.42
CA SER A 120 -11.99 -9.40 10.39
C SER A 120 -10.56 -8.98 10.81
N ASP A 121 -10.44 -8.31 11.96
CA ASP A 121 -9.13 -7.90 12.47
C ASP A 121 -8.30 -9.15 12.72
N PRO A 122 -7.03 -9.14 12.31
CA PRO A 122 -6.13 -10.28 12.49
C PRO A 122 -6.09 -10.80 13.93
N HIS A 123 -6.37 -9.93 14.90
CA HIS A 123 -6.36 -10.33 16.31
C HIS A 123 -7.72 -10.83 16.78
N GLU A 124 -8.73 -10.69 15.94
CA GLU A 124 -10.10 -11.09 16.28
C GLU A 124 -10.53 -12.47 15.77
N GLY A 125 -9.85 -12.97 14.75
CA GLY A 125 -10.24 -14.25 14.19
C GLY A 125 -9.23 -14.78 13.20
N PRO A 126 -9.65 -15.73 12.36
CA PRO A 126 -8.76 -16.46 11.47
C PRO A 126 -8.40 -15.70 10.20
N VAL A 127 -9.09 -14.60 9.92
CA VAL A 127 -8.74 -13.80 8.74
C VAL A 127 -7.55 -12.89 9.01
N GLN A 128 -6.43 -13.23 8.37
CA GLN A 128 -5.17 -12.53 8.59
C GLN A 128 -4.88 -11.44 7.56
N SER A 129 -3.70 -10.83 7.65
CA SER A 129 -3.37 -9.76 6.73
C SER A 129 -1.88 -9.78 6.38
N ILE A 130 -1.55 -9.30 5.18
CA ILE A 130 -0.15 -9.28 4.79
C ILE A 130 0.35 -7.87 4.41
N CYS A 131 -0.37 -6.85 4.86
CA CYS A 131 -0.04 -5.48 4.49
C CYS A 131 1.15 -4.89 5.27
N THR A 132 1.37 -5.35 6.49
CA THR A 132 2.51 -4.89 7.26
C THR A 132 3.34 -6.09 7.66
N VAL A 133 4.59 -5.87 8.03
CA VAL A 133 5.44 -6.98 8.36
C VAL A 133 4.97 -7.63 9.67
N ASP A 134 4.47 -6.82 10.59
CA ASP A 134 3.86 -7.38 11.80
C ASP A 134 2.76 -8.36 11.45
N HIS A 135 1.88 -7.98 10.54
CA HIS A 135 0.74 -8.82 10.19
C HIS A 135 1.16 -10.02 9.34
N ALA A 136 2.10 -9.80 8.43
CA ALA A 136 2.59 -10.88 7.57
C ALA A 136 3.24 -11.97 8.40
N GLU A 137 3.95 -11.57 9.46
CA GLU A 137 4.57 -12.54 10.35
C GLU A 137 3.49 -13.31 11.10
N ARG A 138 2.48 -12.59 11.56
CA ARG A 138 1.35 -13.22 12.21
C ARG A 138 0.67 -14.16 11.23
N ALA A 139 0.52 -13.73 9.97
CA ALA A 139 -0.09 -14.57 8.96
C ALA A 139 0.66 -15.90 8.76
N PHE A 140 1.99 -15.83 8.72
CA PHE A 140 2.77 -17.04 8.51
C PHE A 140 2.63 -17.99 9.69
N ALA A 141 2.62 -17.41 10.89
CA ALA A 141 2.44 -18.20 12.10
C ALA A 141 1.13 -18.97 12.01
N GLU A 142 0.07 -18.30 11.56
CA GLU A 142 -1.21 -18.97 11.43
C GLU A 142 -1.20 -19.98 10.28
N TYR A 143 -0.40 -19.69 9.25
CA TYR A 143 -0.21 -20.61 8.14
C TYR A 143 0.39 -21.92 8.67
N GLN A 144 1.40 -21.81 9.51
CA GLN A 144 2.01 -23.01 10.10
C GLN A 144 0.98 -23.80 10.91
N ALA A 145 0.06 -23.09 11.56
CA ALA A 145 -0.99 -23.74 12.33
C ALA A 145 -1.99 -24.49 11.44
N LEU A 146 -2.24 -23.95 10.24
CA LEU A 146 -3.08 -24.65 9.27
C LEU A 146 -2.34 -25.90 8.80
N LEU A 147 -1.03 -25.81 8.72
CA LEU A 147 -0.21 -26.93 8.31
C LEU A 147 -0.37 -28.07 9.30
N ARG A 148 -0.29 -27.74 10.57
CA ARG A 148 -0.43 -28.76 11.61
C ARG A 148 -1.85 -29.34 11.67
N GLU A 149 -2.84 -28.56 11.26
CA GLU A 149 -4.24 -28.99 11.31
C GLU A 149 -5.05 -28.46 10.13
N PRO A 150 -4.82 -29.02 8.93
CA PRO A 150 -5.44 -28.61 7.68
C PRO A 150 -6.95 -28.36 7.77
N GLY A 151 -7.40 -27.31 7.07
CA GLY A 151 -8.79 -26.89 7.00
C GLY A 151 -8.94 -25.94 5.83
N PRO A 152 -10.16 -25.39 5.63
CA PRO A 152 -10.42 -24.59 4.43
C PRO A 152 -9.61 -23.30 4.40
N ILE A 153 -9.22 -22.88 3.20
CA ILE A 153 -8.49 -21.64 3.02
C ILE A 153 -9.34 -20.62 2.28
N VAL A 154 -9.34 -19.39 2.78
CA VAL A 154 -10.02 -18.31 2.08
C VAL A 154 -9.10 -17.10 1.95
N ILE A 155 -8.75 -16.78 0.72
CA ILE A 155 -7.90 -15.63 0.45
C ILE A 155 -8.63 -14.70 -0.51
N GLY A 156 -8.38 -13.40 -0.40
CA GLY A 156 -8.99 -12.45 -1.31
C GLY A 156 -8.97 -11.00 -0.87
N ALA A 157 -9.95 -10.23 -1.32
CA ALA A 157 -9.99 -8.79 -1.04
C ALA A 157 -11.38 -8.33 -0.60
N MET A 158 -11.42 -7.49 0.43
CA MET A 158 -12.68 -6.97 0.97
C MET A 158 -13.33 -5.96 0.03
N ALA A 159 -14.59 -5.64 0.31
CA ALA A 159 -15.24 -4.51 -0.33
C ALA A 159 -14.41 -3.27 0.01
N GLY A 160 -14.30 -2.36 -0.96
CA GLY A 160 -13.56 -1.14 -0.73
C GLY A 160 -12.05 -1.29 -0.81
N ALA A 161 -11.55 -2.52 -0.97
CA ALA A 161 -10.12 -2.69 -1.18
C ALA A 161 -9.68 -1.94 -2.45
N SER A 162 -8.40 -1.60 -2.52
CA SER A 162 -7.83 -0.92 -3.67
C SER A 162 -6.52 -1.55 -4.07
N CYS A 163 -6.13 -2.61 -3.34
CA CYS A 163 -4.84 -3.24 -3.53
C CYS A 163 -4.98 -4.74 -3.80
N PHE A 164 -5.33 -5.08 -5.03
CA PHE A 164 -5.74 -6.46 -5.36
C PHE A 164 -4.61 -7.40 -5.67
N GLY A 165 -3.57 -6.89 -6.32
CA GLY A 165 -2.44 -7.71 -6.73
C GLY A 165 -1.95 -8.67 -5.65
N PRO A 166 -1.59 -8.13 -4.48
CA PRO A 166 -1.11 -8.93 -3.36
C PRO A 166 -2.07 -10.09 -2.98
N ALA A 167 -3.37 -9.90 -3.11
CA ALA A 167 -4.30 -11.01 -2.84
C ALA A 167 -4.06 -12.15 -3.83
N TYR A 168 -3.99 -11.83 -5.12
CA TYR A 168 -3.66 -12.85 -6.11
C TYR A 168 -2.30 -13.49 -5.81
N GLU A 169 -1.30 -12.63 -5.58
CA GLU A 169 0.06 -13.10 -5.31
C GLU A 169 0.09 -14.02 -4.09
N TYR A 170 -0.54 -13.58 -2.99
CA TYR A 170 -0.52 -14.42 -1.79
C TYR A 170 -1.20 -15.75 -2.08
N ALA A 171 -2.34 -15.72 -2.76
CA ALA A 171 -3.07 -16.96 -3.03
C ALA A 171 -2.23 -17.94 -3.84
N MET A 172 -1.51 -17.41 -4.82
CA MET A 172 -0.70 -18.28 -5.66
C MET A 172 0.50 -18.87 -4.92
N ILE A 173 1.15 -18.09 -4.06
CA ILE A 173 2.37 -18.60 -3.42
C ILE A 173 2.03 -19.56 -2.28
N VAL A 174 0.90 -19.34 -1.63
CA VAL A 174 0.41 -20.30 -0.65
C VAL A 174 0.25 -21.64 -1.37
N ALA A 175 -0.49 -21.63 -2.49
CA ALA A 175 -0.66 -22.83 -3.29
C ALA A 175 0.70 -23.43 -3.59
N SER A 176 1.60 -22.61 -4.12
CA SER A 176 2.93 -23.08 -4.44
C SER A 176 3.59 -23.73 -3.23
N ASP A 177 3.53 -23.04 -2.10
CA ASP A 177 4.20 -23.54 -0.90
C ASP A 177 3.57 -24.83 -0.40
N LEU A 178 2.24 -24.89 -0.49
CA LEU A 178 1.51 -26.08 -0.11
C LEU A 178 1.96 -27.30 -0.94
N LYS A 179 2.19 -27.09 -2.23
CA LYS A 179 2.67 -28.17 -3.08
C LYS A 179 4.08 -28.57 -2.67
N LYS A 180 4.97 -27.58 -2.64
CA LYS A 180 6.37 -27.82 -2.28
C LYS A 180 6.49 -28.60 -0.97
N ARG A 181 5.49 -28.43 -0.10
CA ARG A 181 5.47 -29.16 1.16
C ARG A 181 4.71 -30.47 1.03
N GLY A 182 4.22 -30.76 -0.18
CA GLY A 182 3.41 -31.94 -0.41
C GLY A 182 2.19 -31.96 0.49
N MET A 183 1.66 -30.78 0.77
CA MET A 183 0.54 -30.64 1.69
C MET A 183 -0.74 -30.19 0.97
N ARG A 184 -0.58 -29.82 -0.30
CA ARG A 184 -1.68 -29.23 -1.06
C ARG A 184 -2.96 -30.06 -0.98
N ASP A 185 -2.83 -31.38 -1.10
CA ASP A 185 -3.99 -32.25 -1.16
C ASP A 185 -4.68 -32.44 0.18
N LYS A 186 -4.15 -31.83 1.23
CA LYS A 186 -4.78 -31.91 2.55
C LYS A 186 -5.87 -30.86 2.75
N ILE A 187 -5.98 -29.91 1.81
CA ILE A 187 -6.89 -28.78 1.98
C ILE A 187 -8.29 -29.08 1.46
N PRO A 188 -9.30 -29.00 2.35
CA PRO A 188 -10.71 -29.30 2.04
C PRO A 188 -11.25 -28.40 0.93
N SER A 189 -10.95 -27.11 1.01
CA SER A 189 -11.36 -26.15 0.00
C SER A 189 -10.50 -24.89 0.06
N PHE A 190 -10.18 -24.37 -1.11
CA PHE A 190 -9.30 -23.21 -1.27
C PHE A 190 -10.11 -22.23 -2.11
N THR A 191 -10.54 -21.14 -1.48
CA THR A 191 -11.47 -20.22 -2.11
C THR A 191 -10.91 -18.80 -2.22
N PHE A 192 -11.21 -18.15 -3.34
CA PHE A 192 -10.76 -16.80 -3.57
C PHE A 192 -11.98 -15.90 -3.61
N ILE A 193 -12.02 -14.91 -2.74
CA ILE A 193 -13.16 -14.04 -2.63
C ILE A 193 -12.73 -12.61 -2.87
N THR A 194 -13.38 -11.96 -3.81
CA THR A 194 -13.02 -10.58 -4.15
C THR A 194 -14.22 -9.71 -4.46
N SER A 195 -14.08 -8.45 -4.10
CA SER A 195 -15.02 -7.38 -4.42
C SER A 195 -14.91 -6.90 -5.88
N GLU A 196 -13.85 -7.28 -6.58
CA GLU A 196 -13.78 -7.00 -8.02
C GLU A 196 -15.02 -7.50 -8.77
N PRO A 197 -15.44 -6.76 -9.80
CA PRO A 197 -16.54 -7.18 -10.66
C PRO A 197 -16.19 -8.44 -11.46
N TYR A 198 -14.90 -8.67 -11.71
CA TYR A 198 -14.45 -9.91 -12.35
C TYR A 198 -12.98 -10.17 -11.98
N ILE A 199 -12.54 -11.41 -12.19
CA ILE A 199 -11.15 -11.79 -11.91
C ILE A 199 -10.18 -10.96 -12.76
N GLY A 200 -9.18 -10.37 -12.11
CA GLY A 200 -8.18 -9.56 -12.80
C GLY A 200 -8.62 -8.14 -13.17
N HIS A 201 -9.70 -7.66 -12.58
CA HIS A 201 -10.10 -6.26 -12.69
C HIS A 201 -9.03 -5.37 -12.06
N LEU A 202 -8.56 -5.82 -10.90
CA LEU A 202 -7.42 -5.25 -10.21
C LEU A 202 -7.66 -3.82 -9.79
N GLY A 203 -8.92 -3.42 -9.74
CA GLY A 203 -9.26 -2.04 -9.42
C GLY A 203 -8.94 -1.07 -10.53
N ILE A 204 -8.53 -1.57 -11.70
CA ILE A 204 -8.19 -0.69 -12.82
C ILE A 204 -8.86 -1.11 -14.13
N GLN A 205 -9.96 -1.83 -14.03
CA GLN A 205 -10.73 -2.26 -15.19
C GLN A 205 -9.91 -3.19 -16.07
N GLY A 206 -9.04 -3.96 -15.43
CA GLY A 206 -8.25 -4.95 -16.14
C GLY A 206 -7.12 -4.30 -16.91
N VAL A 207 -6.09 -5.09 -17.16
CA VAL A 207 -4.92 -4.60 -17.87
C VAL A 207 -4.34 -5.76 -18.67
N GLY A 208 -4.03 -5.52 -19.94
CA GLY A 208 -3.61 -6.61 -20.81
C GLY A 208 -4.60 -7.75 -20.70
N ASP A 209 -4.11 -8.99 -20.59
CA ASP A 209 -5.03 -10.11 -20.39
C ASP A 209 -5.03 -10.58 -18.93
N SER A 210 -4.99 -9.62 -18.01
CA SER A 210 -5.05 -9.95 -16.58
C SER A 210 -6.26 -10.85 -16.28
N LYS A 211 -7.39 -10.60 -16.94
CA LYS A 211 -8.58 -11.39 -16.67
C LYS A 211 -8.34 -12.87 -16.97
N GLY A 212 -8.00 -13.16 -18.23
CA GLY A 212 -7.82 -14.52 -18.68
C GLY A 212 -6.70 -15.25 -17.96
N ILE A 213 -5.60 -14.57 -17.70
CA ILE A 213 -4.41 -15.22 -17.15
C ILE A 213 -4.54 -15.50 -15.66
N LEU A 214 -5.11 -14.56 -14.92
CA LEU A 214 -5.37 -14.79 -13.51
C LEU A 214 -6.47 -15.85 -13.31
N THR A 215 -7.49 -15.84 -14.17
CA THR A 215 -8.56 -16.84 -14.10
C THR A 215 -7.98 -18.24 -14.28
N LYS A 216 -7.21 -18.39 -15.34
CA LYS A 216 -6.54 -19.65 -15.65
C LYS A 216 -5.61 -20.03 -14.50
N GLY A 217 -4.86 -19.06 -13.99
CA GLY A 217 -3.97 -19.30 -12.88
C GLY A 217 -4.69 -19.87 -11.66
N LEU A 218 -5.78 -19.24 -11.28
CA LEU A 218 -6.57 -19.75 -10.13
C LEU A 218 -7.10 -21.17 -10.37
N LYS A 219 -7.70 -21.42 -11.53
CA LYS A 219 -8.19 -22.76 -11.86
C LYS A 219 -7.05 -23.79 -11.84
N GLU A 220 -5.94 -23.44 -12.44
CA GLU A 220 -4.76 -24.29 -12.50
C GLU A 220 -4.39 -24.79 -11.10
N GLU A 221 -4.57 -23.94 -10.10
CA GLU A 221 -4.17 -24.25 -8.74
C GLU A 221 -5.29 -24.89 -7.93
N GLY A 222 -6.44 -25.10 -8.57
CA GLY A 222 -7.62 -25.64 -7.90
C GLY A 222 -8.22 -24.69 -6.87
N ILE A 223 -8.18 -23.40 -7.18
CA ILE A 223 -8.81 -22.38 -6.34
C ILE A 223 -10.12 -21.91 -6.95
N GLU A 224 -11.21 -22.13 -6.22
CA GLU A 224 -12.54 -21.69 -6.62
C GLU A 224 -12.73 -20.20 -6.33
N ALA A 225 -13.20 -19.45 -7.33
CA ALA A 225 -13.20 -18.00 -7.25
C ALA A 225 -14.59 -17.36 -7.38
N TYR A 226 -14.85 -16.37 -6.53
CA TYR A 226 -16.12 -15.64 -6.57
C TYR A 226 -15.85 -14.15 -6.66
N THR A 227 -16.59 -13.47 -7.53
CA THR A 227 -16.39 -12.04 -7.68
C THR A 227 -17.64 -11.30 -7.23
N ASN A 228 -17.56 -9.97 -7.20
CA ASN A 228 -18.66 -9.17 -6.74
C ASN A 228 -19.05 -9.55 -5.32
N CYS A 229 -18.07 -9.82 -4.48
CA CYS A 229 -18.34 -10.24 -3.11
C CYS A 229 -17.96 -9.18 -2.09
N LYS A 230 -18.75 -9.13 -1.02
CA LYS A 230 -18.43 -8.34 0.16
C LYS A 230 -18.59 -9.26 1.37
N VAL A 231 -17.68 -9.12 2.32
CA VAL A 231 -17.79 -9.83 3.58
C VAL A 231 -18.51 -8.94 4.61
N THR A 232 -19.55 -9.48 5.23
CA THR A 232 -20.36 -8.73 6.17
C THR A 232 -19.82 -8.93 7.58
N LYS A 233 -19.29 -10.11 7.85
CA LYS A 233 -18.72 -10.38 9.16
C LYS A 233 -17.88 -11.66 9.15
N VAL A 234 -16.94 -11.71 10.07
CA VAL A 234 -16.21 -12.91 10.38
C VAL A 234 -16.58 -13.29 11.80
N GLU A 235 -17.02 -14.52 11.99
CA GLU A 235 -17.59 -14.91 13.26
C GLU A 235 -17.66 -16.42 13.39
N ASP A 236 -17.35 -16.92 14.58
CA ASP A 236 -17.30 -18.36 14.83
C ASP A 236 -16.42 -19.05 13.79
N ASN A 237 -15.33 -18.40 13.42
CA ASN A 237 -14.43 -18.94 12.42
C ASN A 237 -15.16 -19.18 11.09
N LYS A 238 -16.17 -18.36 10.83
CA LYS A 238 -16.87 -18.42 9.56
C LYS A 238 -16.92 -17.05 8.92
N MET A 239 -16.82 -17.03 7.60
CA MET A 239 -16.87 -15.79 6.86
C MET A 239 -18.25 -15.70 6.23
N TYR A 240 -18.95 -14.61 6.49
CA TYR A 240 -20.27 -14.42 5.90
C TYR A 240 -20.13 -13.51 4.69
N VAL A 241 -20.46 -14.07 3.53
CA VAL A 241 -20.21 -13.41 2.25
C VAL A 241 -21.52 -13.15 1.51
N THR A 242 -21.68 -11.93 1.02
CA THR A 242 -22.82 -11.61 0.18
C THR A 242 -22.29 -11.31 -1.23
N GLN A 243 -22.87 -11.95 -2.23
CA GLN A 243 -22.44 -11.75 -3.61
C GLN A 243 -23.56 -11.01 -4.30
N VAL A 244 -23.24 -9.98 -5.05
CA VAL A 244 -24.27 -9.18 -5.70
C VAL A 244 -24.23 -9.29 -7.22
N ASP A 245 -25.24 -8.73 -7.88
CA ASP A 245 -25.26 -8.64 -9.34
C ASP A 245 -24.86 -7.24 -9.79
N GLU A 246 -24.85 -7.01 -11.09
CA GLU A 246 -24.44 -5.71 -11.66
C GLU A 246 -25.19 -4.52 -11.07
N LYS A 247 -26.36 -4.76 -10.52
CA LYS A 247 -27.19 -3.67 -10.00
C LYS A 247 -27.24 -3.62 -8.47
N GLY A 248 -26.38 -4.39 -7.82
CA GLY A 248 -26.28 -4.35 -6.37
C GLY A 248 -27.16 -5.34 -5.66
N GLU A 249 -28.19 -5.82 -6.34
CA GLU A 249 -29.09 -6.80 -5.75
C GLU A 249 -28.28 -8.03 -5.34
N THR A 250 -28.76 -8.74 -4.34
CA THR A 250 -28.11 -9.96 -3.88
C THR A 250 -28.40 -11.12 -4.82
N ILE A 251 -27.38 -11.92 -5.13
CA ILE A 251 -27.63 -13.14 -5.92
C ILE A 251 -27.25 -14.37 -5.13
N LYS A 252 -26.51 -14.19 -4.05
CA LYS A 252 -26.41 -15.24 -3.05
C LYS A 252 -25.67 -14.84 -1.80
N GLU A 253 -25.85 -15.64 -0.77
CA GLU A 253 -25.16 -15.46 0.47
C GLU A 253 -24.50 -16.78 0.78
N MET A 254 -23.30 -16.70 1.32
CA MET A 254 -22.54 -17.89 1.61
C MET A 254 -21.99 -17.79 3.00
N VAL A 255 -21.76 -18.95 3.59
CA VAL A 255 -21.09 -19.00 4.87
C VAL A 255 -19.94 -19.96 4.71
N LEU A 256 -18.74 -19.42 4.80
CA LEU A 256 -17.53 -20.18 4.54
C LEU A 256 -16.73 -20.36 5.81
N PRO A 257 -16.49 -21.63 6.18
CA PRO A 257 -15.62 -21.90 7.32
C PRO A 257 -14.18 -21.54 6.96
N VAL A 258 -13.43 -21.01 7.92
CA VAL A 258 -12.05 -20.62 7.64
C VAL A 258 -11.10 -21.13 8.71
N LYS A 259 -10.12 -21.93 8.30
CA LYS A 259 -9.06 -22.34 9.19
C LYS A 259 -7.89 -21.39 9.01
N PHE A 260 -7.59 -21.07 7.76
CA PHE A 260 -6.59 -20.06 7.42
C PHE A 260 -7.14 -19.11 6.38
N GLY A 261 -6.99 -17.81 6.64
CA GLY A 261 -7.58 -16.79 5.79
C GLY A 261 -6.76 -15.53 5.71
N MET A 262 -6.91 -14.81 4.61
CA MET A 262 -6.19 -13.55 4.39
C MET A 262 -7.01 -12.72 3.41
N MET A 263 -7.61 -11.65 3.88
CA MET A 263 -8.36 -10.75 3.02
C MET A 263 -7.68 -9.39 3.08
N ILE A 264 -7.49 -8.78 1.90
CA ILE A 264 -6.97 -7.42 1.85
C ILE A 264 -8.07 -6.48 2.30
N PRO A 265 -7.82 -5.70 3.37
CA PRO A 265 -8.86 -4.78 3.83
C PRO A 265 -8.96 -3.51 2.97
N ALA A 266 -10.07 -2.80 3.14
CA ALA A 266 -10.23 -1.46 2.61
C ALA A 266 -9.20 -0.56 3.29
N PHE A 267 -8.70 0.45 2.57
CA PHE A 267 -7.82 1.46 3.16
C PHE A 267 -8.61 2.74 3.45
N LYS A 268 -8.39 3.33 4.62
CA LYS A 268 -8.82 4.70 4.87
C LYS A 268 -7.60 5.55 5.24
N GLY A 269 -7.81 6.84 5.48
CA GLY A 269 -6.75 7.70 5.97
C GLY A 269 -6.53 7.45 7.45
N VAL A 270 -5.31 7.64 7.93
CA VAL A 270 -5.06 7.43 9.35
C VAL A 270 -5.80 8.50 10.18
N PRO A 271 -6.16 8.13 11.41
CA PRO A 271 -7.00 8.98 12.25
C PRO A 271 -6.44 10.41 12.46
N ALA A 272 -5.14 10.56 12.70
CA ALA A 272 -4.62 11.89 13.02
C ALA A 272 -4.73 12.84 11.83
N VAL A 273 -4.76 12.28 10.63
CA VAL A 273 -4.86 13.09 9.42
C VAL A 273 -6.34 13.30 9.06
N ALA A 274 -7.11 12.22 9.09
CA ALA A 274 -8.55 12.29 8.86
C ALA A 274 -9.20 13.19 9.91
N GLY A 275 -8.60 13.23 11.08
CA GLY A 275 -9.06 14.11 12.15
C GLY A 275 -8.90 15.61 11.90
N VAL A 276 -8.11 16.00 10.90
CA VAL A 276 -7.94 17.45 10.65
C VAL A 276 -9.12 18.04 9.90
N GLU A 277 -9.78 19.02 10.51
CA GLU A 277 -11.03 19.53 9.95
C GLU A 277 -10.85 20.14 8.56
N GLY A 278 -11.64 19.65 7.61
CA GLY A 278 -11.63 20.20 6.27
C GLY A 278 -10.43 19.79 5.45
N LEU A 279 -9.56 18.99 6.03
CA LEU A 279 -8.37 18.52 5.30
C LEU A 279 -8.67 17.41 4.29
N CYS A 280 -9.59 16.51 4.65
CA CYS A 280 -9.73 15.23 3.93
C CYS A 280 -11.12 14.95 3.35
N ASN A 281 -11.20 14.01 2.42
CA ASN A 281 -12.51 13.54 1.97
C ASN A 281 -13.11 12.64 3.03
N PRO A 282 -14.34 12.13 2.81
CA PRO A 282 -14.97 11.33 3.87
C PRO A 282 -14.18 10.07 4.24
N GLY A 283 -13.36 9.55 3.32
CA GLY A 283 -12.52 8.40 3.62
C GLY A 283 -11.28 8.71 4.44
N GLY A 284 -11.02 10.00 4.68
CA GLY A 284 -9.82 10.39 5.42
C GLY A 284 -8.58 10.55 4.54
N PHE A 285 -8.81 10.70 3.24
CA PHE A 285 -7.72 10.96 2.31
C PHE A 285 -7.55 12.47 2.05
N VAL A 286 -6.30 12.94 2.09
CA VAL A 286 -6.00 14.38 1.93
C VAL A 286 -6.36 14.91 0.55
N LEU A 287 -7.16 15.97 0.51
CA LEU A 287 -7.55 16.61 -0.74
C LEU A 287 -6.44 17.53 -1.22
N VAL A 288 -5.77 17.16 -2.31
CA VAL A 288 -4.67 17.98 -2.82
C VAL A 288 -4.91 18.42 -4.24
N ASP A 289 -4.22 19.48 -4.65
CA ASP A 289 -4.23 19.88 -6.04
C ASP A 289 -3.14 19.11 -6.77
N GLU A 290 -2.95 19.43 -8.05
CA GLU A 290 -1.95 18.76 -8.89
C GLU A 290 -0.51 18.98 -8.43
N HIS A 291 -0.29 19.99 -7.59
CA HIS A 291 1.05 20.26 -7.08
C HIS A 291 1.32 19.55 -5.75
N GLN A 292 0.37 18.71 -5.33
CA GLN A 292 0.44 17.95 -4.08
C GLN A 292 0.18 18.81 -2.83
N ARG A 293 -0.37 20.00 -3.03
CA ARG A 293 -0.63 20.91 -1.91
C ARG A 293 -2.06 20.75 -1.43
N SER A 294 -2.24 20.62 -0.12
CA SER A 294 -3.58 20.63 0.46
C SER A 294 -4.42 21.75 -0.12
N LYS A 295 -5.68 21.46 -0.47
CA LYS A 295 -6.59 22.49 -0.98
C LYS A 295 -6.97 23.47 0.14
N LYS A 296 -6.82 23.05 1.40
CA LYS A 296 -7.19 23.93 2.50
C LYS A 296 -6.01 24.69 3.10
N TYR A 297 -4.92 23.99 3.38
CA TYR A 297 -3.78 24.63 4.03
C TYR A 297 -2.58 24.74 3.10
N ALA A 298 -2.18 25.96 2.79
CA ALA A 298 -1.12 26.19 1.80
C ALA A 298 0.23 25.58 2.18
N ASN A 299 0.45 25.37 3.48
CA ASN A 299 1.71 24.81 3.96
C ASN A 299 1.62 23.33 4.31
N ILE A 300 0.54 22.68 3.86
CA ILE A 300 0.43 21.24 4.02
C ILE A 300 0.43 20.58 2.66
N PHE A 301 1.39 19.66 2.48
CA PHE A 301 1.45 18.85 1.26
C PHE A 301 1.19 17.40 1.61
N ALA A 302 0.94 16.57 0.59
CA ALA A 302 0.78 15.14 0.83
C ALA A 302 1.19 14.30 -0.38
N ALA A 303 1.64 13.08 -0.10
CA ALA A 303 1.98 12.14 -1.17
C ALA A 303 1.70 10.74 -0.67
N GLY A 304 1.65 9.80 -1.61
CA GLY A 304 1.48 8.41 -1.27
C GLY A 304 0.01 8.03 -1.20
N ILE A 305 -0.26 6.92 -0.52
CA ILE A 305 -1.62 6.44 -0.36
C ILE A 305 -2.48 7.44 0.41
N ALA A 306 -1.81 8.29 1.19
CA ALA A 306 -2.51 9.30 1.99
C ALA A 306 -3.35 10.28 1.18
N ILE A 307 -3.03 10.50 -0.08
CA ILE A 307 -3.83 11.48 -0.85
C ILE A 307 -5.12 10.91 -1.42
N ALA A 308 -6.09 11.78 -1.71
CA ALA A 308 -7.31 11.36 -2.41
C ALA A 308 -7.14 11.41 -3.93
N ILE A 309 -7.57 10.34 -4.59
CA ILE A 309 -7.68 10.33 -6.06
C ILE A 309 -9.10 9.92 -6.41
N PRO A 310 -9.82 10.78 -7.14
CA PRO A 310 -11.24 10.54 -7.41
C PRO A 310 -11.43 9.23 -8.20
N PRO A 311 -12.52 8.51 -7.93
CA PRO A 311 -12.89 7.27 -8.64
C PRO A 311 -13.27 7.56 -10.09
N VAL A 312 -13.02 6.62 -10.99
CA VAL A 312 -13.30 6.84 -12.39
C VAL A 312 -14.38 5.88 -12.85
N GLU A 313 -14.72 4.94 -11.96
CA GLU A 313 -15.78 3.99 -12.25
C GLU A 313 -16.48 3.65 -10.94
N THR A 314 -17.65 3.03 -11.04
CA THR A 314 -18.38 2.66 -9.85
C THR A 314 -18.78 1.19 -9.99
N THR A 315 -18.17 0.33 -9.17
CA THR A 315 -18.38 -1.11 -9.29
C THR A 315 -19.49 -1.60 -8.36
N PRO A 316 -20.18 -2.68 -8.76
CA PRO A 316 -21.32 -3.20 -7.99
C PRO A 316 -20.98 -3.29 -6.49
N VAL A 317 -19.84 -3.86 -6.17
CA VAL A 317 -19.29 -3.79 -4.83
C VAL A 317 -18.17 -2.76 -4.79
N PRO A 318 -18.24 -1.82 -3.84
CA PRO A 318 -17.24 -0.75 -3.73
C PRO A 318 -15.82 -1.28 -3.91
N THR A 319 -15.05 -0.65 -4.81
CA THR A 319 -13.63 -0.96 -4.98
C THR A 319 -12.84 0.32 -5.20
N GLY A 320 -11.54 0.29 -4.91
CA GLY A 320 -10.67 1.42 -5.19
C GLY A 320 -9.59 1.12 -6.21
N ALA A 321 -8.99 2.17 -6.76
CA ALA A 321 -7.84 2.03 -7.65
C ALA A 321 -6.54 2.12 -6.83
N PRO A 322 -5.55 1.29 -7.17
CA PRO A 322 -4.32 1.30 -6.36
C PRO A 322 -3.47 2.54 -6.60
N LYS A 323 -2.63 2.85 -5.63
CA LYS A 323 -1.67 3.96 -5.71
C LYS A 323 -0.31 3.30 -5.53
N THR A 324 0.46 3.24 -6.61
CA THR A 324 1.64 2.41 -6.63
C THR A 324 2.93 3.21 -6.68
N GLY A 325 4.05 2.50 -6.60
CA GLY A 325 5.33 3.05 -6.24
C GLY A 325 5.86 4.16 -7.13
N TYR A 326 5.75 3.96 -8.44
CA TYR A 326 6.27 4.97 -9.34
C TYR A 326 5.48 6.27 -9.23
N MET A 327 4.16 6.18 -9.16
CA MET A 327 3.34 7.37 -9.01
C MET A 327 3.58 8.06 -7.66
N ILE A 328 3.78 7.26 -6.63
CA ILE A 328 4.05 7.80 -5.30
C ILE A 328 5.36 8.59 -5.34
N GLU A 329 6.36 8.06 -6.03
CA GLU A 329 7.61 8.77 -6.09
C GLU A 329 7.45 10.11 -6.82
N SER A 330 6.65 10.12 -7.89
CA SER A 330 6.41 11.37 -8.61
C SER A 330 5.70 12.41 -7.74
N MET A 331 4.73 11.95 -6.95
CA MET A 331 4.08 12.81 -5.97
C MET A 331 5.09 13.39 -5.01
N VAL A 332 6.00 12.54 -4.51
CA VAL A 332 7.03 13.00 -3.57
C VAL A 332 7.90 14.07 -4.21
N SER A 333 8.39 13.82 -5.43
CA SER A 333 9.31 14.74 -6.09
C SER A 333 8.65 16.08 -6.31
N ALA A 334 7.38 16.04 -6.70
CA ALA A 334 6.62 17.25 -6.94
C ALA A 334 6.46 18.06 -5.65
N ALA A 335 6.10 17.37 -4.56
CA ALA A 335 5.93 18.05 -3.29
C ALA A 335 7.20 18.73 -2.84
N VAL A 336 8.32 18.01 -2.95
CA VAL A 336 9.58 18.54 -2.46
C VAL A 336 9.97 19.78 -3.24
N HIS A 337 9.78 19.70 -4.56
CA HIS A 337 10.12 20.78 -5.46
C HIS A 337 9.26 22.00 -5.19
N ASN A 338 7.97 21.78 -4.99
CA ASN A 338 7.04 22.88 -4.74
C ASN A 338 7.19 23.53 -3.36
N ILE A 339 7.58 22.75 -2.37
CA ILE A 339 7.85 23.32 -1.07
C ILE A 339 9.10 24.20 -1.17
N LYS A 340 10.16 23.66 -1.77
CA LYS A 340 11.40 24.39 -1.98
C LYS A 340 11.13 25.72 -2.68
N ALA A 341 10.22 25.67 -3.66
CA ALA A 341 9.84 26.85 -4.43
C ALA A 341 9.17 27.86 -3.53
N ASP A 342 8.24 27.38 -2.71
CA ASP A 342 7.60 28.26 -1.75
C ASP A 342 8.64 28.99 -0.89
N LEU A 343 9.61 28.23 -0.37
CA LEU A 343 10.65 28.77 0.49
C LEU A 343 11.59 29.70 -0.26
N GLU A 344 11.24 30.06 -1.49
CA GLU A 344 12.12 30.90 -2.29
C GLU A 344 11.34 31.88 -3.16
N GLY A 345 10.06 32.04 -2.88
CA GLY A 345 9.25 33.02 -3.57
C GLY A 345 8.42 32.47 -4.72
N ARG A 346 9.00 31.55 -5.49
CA ARG A 346 8.32 31.00 -6.66
C ARG A 346 7.07 30.22 -6.29
N LYS A 347 6.21 30.00 -7.28
CA LYS A 347 5.18 28.99 -7.15
C LYS A 347 5.61 27.76 -7.94
N GLY A 348 6.01 26.71 -7.24
CA GLY A 348 6.34 25.46 -7.88
C GLY A 348 5.22 25.04 -8.80
N GLU A 349 5.57 24.66 -10.02
CA GLU A 349 4.57 24.26 -10.99
C GLU A 349 4.61 22.76 -11.23
N GLN A 350 5.44 22.05 -10.49
CA GLN A 350 5.61 20.63 -10.74
C GLN A 350 4.41 19.81 -10.27
N THR A 351 4.06 18.79 -11.05
CA THR A 351 2.94 17.90 -10.74
C THR A 351 3.45 16.48 -10.76
N MET A 352 2.59 15.53 -10.37
CA MET A 352 3.00 14.12 -10.32
C MET A 352 2.97 13.51 -11.70
N GLY A 353 2.39 14.23 -12.65
CA GLY A 353 2.30 13.75 -14.01
C GLY A 353 1.14 12.81 -14.27
N THR A 354 1.30 11.92 -15.24
CA THR A 354 0.20 11.08 -15.70
C THR A 354 -0.13 10.01 -14.68
N TRP A 355 -1.41 9.80 -14.42
CA TRP A 355 -1.77 8.71 -13.50
C TRP A 355 -1.21 7.42 -14.09
N ASN A 356 -0.71 6.56 -13.23
CA ASN A 356 -0.31 5.23 -13.70
C ASN A 356 -0.31 4.21 -12.58
N ALA A 357 -0.40 2.94 -12.97
CA ALA A 357 -0.25 1.85 -12.02
C ALA A 357 0.80 0.85 -12.52
N VAL A 358 1.75 0.55 -11.66
CA VAL A 358 2.82 -0.37 -12.00
C VAL A 358 2.93 -1.35 -10.84
N CYS A 359 2.75 -2.64 -11.12
CA CYS A 359 2.85 -3.65 -10.06
C CYS A 359 3.70 -4.82 -10.55
N PHE A 360 4.50 -5.37 -9.64
CA PHE A 360 5.35 -6.52 -9.91
C PHE A 360 5.09 -7.59 -8.85
N ALA A 361 4.75 -8.79 -9.29
CA ALA A 361 4.52 -9.86 -8.34
C ALA A 361 5.38 -11.08 -8.66
N ASP A 362 6.15 -11.52 -7.67
CA ASP A 362 7.07 -12.63 -7.84
C ASP A 362 6.47 -13.93 -7.33
N MET A 363 6.47 -14.95 -8.17
CA MET A 363 5.89 -16.22 -7.77
C MET A 363 6.95 -17.24 -7.35
N GLY A 364 8.22 -16.90 -7.53
CA GLY A 364 9.29 -17.80 -7.15
C GLY A 364 10.40 -17.80 -8.16
N ASP A 365 10.14 -18.38 -9.33
CA ASP A 365 11.11 -18.40 -10.44
C ASP A 365 10.75 -17.36 -11.48
N ARG A 366 9.48 -16.96 -11.48
CA ARG A 366 8.99 -15.99 -12.42
C ARG A 366 7.84 -15.23 -11.79
N GLY A 367 7.47 -14.11 -12.41
CA GLY A 367 6.43 -13.28 -11.86
C GLY A 367 5.52 -12.67 -12.89
N ALA A 368 4.51 -11.97 -12.41
CA ALA A 368 3.66 -11.19 -13.28
C ALA A 368 3.84 -9.72 -12.94
N ALA A 369 3.77 -8.88 -13.96
CA ALA A 369 3.85 -7.44 -13.75
C ALA A 369 2.85 -6.80 -14.66
N PHE A 370 2.35 -5.62 -14.27
CA PHE A 370 1.54 -4.82 -15.18
C PHE A 370 1.90 -3.36 -15.21
N ILE A 371 1.58 -2.72 -16.32
CA ILE A 371 1.71 -1.29 -16.46
C ILE A 371 0.50 -0.76 -17.17
N ALA A 372 -0.16 0.20 -16.54
CA ALA A 372 -1.37 0.81 -17.05
C ALA A 372 -1.25 2.31 -16.94
N LEU A 373 -1.42 3.01 -18.06
CA LEU A 373 -1.63 4.47 -18.02
C LEU A 373 -2.25 5.00 -19.30
N PRO A 374 -3.09 6.06 -19.17
CA PRO A 374 -3.44 6.67 -17.88
C PRO A 374 -4.56 5.86 -17.20
N GLN A 375 -5.35 6.48 -16.33
CA GLN A 375 -6.32 5.71 -15.57
C GLN A 375 -7.49 5.16 -16.40
N LEU A 376 -8.05 5.99 -17.29
CA LEU A 376 -9.20 5.56 -18.08
C LEU A 376 -8.81 4.97 -19.44
N LYS A 377 -9.62 4.04 -19.94
CA LYS A 377 -9.40 3.45 -21.26
C LYS A 377 -10.09 4.34 -22.28
N PRO A 378 -9.59 4.34 -23.51
CA PRO A 378 -8.46 3.54 -24.00
C PRO A 378 -7.11 4.10 -23.54
N ARG A 379 -6.20 3.22 -23.10
CA ARG A 379 -4.95 3.65 -22.50
C ARG A 379 -3.84 3.87 -23.51
N LYS A 380 -2.77 4.53 -23.07
CA LYS A 380 -1.60 4.70 -23.92
C LYS A 380 -0.67 3.50 -23.75
N VAL A 381 -0.67 2.93 -22.55
CA VAL A 381 0.05 1.69 -22.30
C VAL A 381 -0.84 0.77 -21.45
N ASP A 382 -1.05 -0.46 -21.90
CA ASP A 382 -1.91 -1.37 -21.17
C ASP A 382 -1.35 -2.78 -21.22
N VAL A 383 -0.40 -3.07 -20.33
CA VAL A 383 0.37 -4.29 -20.47
C VAL A 383 0.39 -5.18 -19.25
N PHE A 384 0.11 -6.46 -19.48
CA PHE A 384 0.25 -7.46 -18.45
C PHE A 384 1.25 -8.51 -18.95
N ALA A 385 2.30 -8.77 -18.18
CA ALA A 385 3.35 -9.67 -18.61
C ALA A 385 3.69 -10.67 -17.52
N TYR A 386 4.22 -11.81 -17.95
CA TYR A 386 4.61 -12.87 -17.04
C TYR A 386 5.90 -13.46 -17.55
N GLY A 387 6.85 -13.70 -16.66
CA GLY A 387 8.07 -14.39 -17.03
C GLY A 387 9.16 -14.28 -15.98
N ARG A 388 10.33 -14.84 -16.30
CA ARG A 388 11.48 -14.75 -15.44
C ARG A 388 11.93 -13.32 -15.25
N TRP A 389 11.88 -12.52 -16.32
CA TRP A 389 12.36 -11.15 -16.23
C TRP A 389 11.63 -10.41 -15.11
N VAL A 390 10.37 -10.77 -14.86
CA VAL A 390 9.60 -10.15 -13.81
C VAL A 390 10.18 -10.48 -12.43
N HIS A 391 10.43 -11.76 -12.19
CA HIS A 391 11.07 -12.19 -10.96
C HIS A 391 12.40 -11.47 -10.75
N LEU A 392 13.25 -11.49 -11.78
CA LEU A 392 14.53 -10.84 -11.71
C LEU A 392 14.39 -9.36 -11.36
N ALA A 393 13.43 -8.70 -12.00
CA ALA A 393 13.21 -7.27 -11.76
C ALA A 393 12.77 -6.96 -10.32
N LYS A 394 11.89 -7.80 -9.78
CA LYS A 394 11.38 -7.61 -8.42
C LYS A 394 12.52 -7.75 -7.43
N VAL A 395 13.25 -8.84 -7.56
CA VAL A 395 14.39 -9.13 -6.72
C VAL A 395 15.39 -7.99 -6.80
N ALA A 396 15.67 -7.53 -8.02
CA ALA A 396 16.60 -6.43 -8.21
C ALA A 396 16.11 -5.15 -7.52
N PHE A 397 14.83 -4.84 -7.71
CA PHE A 397 14.30 -3.59 -7.23
C PHE A 397 14.26 -3.52 -5.70
N GLU A 398 13.87 -4.61 -5.06
CA GLU A 398 13.87 -4.67 -3.61
C GLU A 398 15.27 -4.37 -3.10
N LYS A 399 16.27 -5.01 -3.70
CA LYS A 399 17.66 -4.79 -3.32
C LYS A 399 18.06 -3.33 -3.51
N TYR A 400 17.69 -2.77 -4.66
CA TYR A 400 17.99 -1.38 -4.98
C TYR A 400 17.33 -0.39 -4.02
N PHE A 401 16.01 -0.52 -3.82
CA PHE A 401 15.26 0.41 -2.99
C PHE A 401 15.75 0.41 -1.55
N ILE A 402 16.00 -0.77 -1.03
CA ILE A 402 16.49 -0.89 0.34
C ILE A 402 17.88 -0.26 0.49
N ARG A 403 18.75 -0.48 -0.49
CA ARG A 403 20.07 0.15 -0.47
C ARG A 403 19.89 1.67 -0.49
N LYS A 404 19.03 2.15 -1.38
CA LYS A 404 18.77 3.57 -1.51
C LYS A 404 18.28 4.18 -0.20
N MET A 405 17.43 3.45 0.51
CA MET A 405 16.88 3.97 1.75
C MET A 405 17.93 4.06 2.85
N LYS A 406 19.01 3.31 2.72
CA LYS A 406 20.10 3.36 3.69
C LYS A 406 21.15 4.40 3.30
N MET A 407 21.40 4.52 2.00
CA MET A 407 22.48 5.38 1.51
C MET A 407 22.09 6.82 1.16
N GLY A 408 20.79 7.10 1.04
CA GLY A 408 20.34 8.43 0.68
C GLY A 408 19.87 8.55 -0.75
N VAL A 409 19.02 9.53 -0.98
CA VAL A 409 18.40 9.76 -2.28
C VAL A 409 18.45 11.25 -2.56
N SER A 410 19.05 11.63 -3.69
CA SER A 410 19.16 13.04 -4.04
C SER A 410 17.77 13.69 -4.14
N GLU A 411 16.94 13.36 -5.15
CA GLU A 411 17.28 12.54 -6.31
C GLU A 411 16.09 12.37 -7.23
N PRO A 412 16.22 12.81 -8.49
CA PRO A 412 15.29 12.28 -9.47
C PRO A 412 15.38 10.77 -9.38
N PHE A 413 14.41 10.13 -8.73
CA PHE A 413 14.59 8.75 -8.30
C PHE A 413 14.84 7.72 -9.41
N TYR A 414 13.78 7.27 -10.08
CA TYR A 414 13.94 6.18 -11.03
C TYR A 414 14.75 6.55 -12.27
N GLU A 415 16.03 6.21 -12.21
CA GLU A 415 16.84 6.08 -13.41
C GLU A 415 17.16 4.61 -13.56
N LYS A 416 16.17 3.76 -13.27
CA LYS A 416 16.27 2.33 -13.59
C LYS A 416 16.37 2.23 -15.10
N VAL A 417 16.18 3.37 -15.75
CA VAL A 417 16.19 3.49 -17.20
C VAL A 417 17.60 3.71 -17.76
N LEU A 418 18.61 3.63 -16.89
CA LEU A 418 20.00 3.66 -17.34
C LEU A 418 20.38 2.29 -17.89
N PHE A 419 19.48 1.33 -17.72
CA PHE A 419 19.66 0.00 -18.30
C PHE A 419 19.37 0.02 -19.80
N LYS A 420 18.98 1.19 -20.30
CA LYS A 420 18.83 1.45 -21.73
C LYS A 420 20.10 2.10 -22.29
N MET A 421 20.51 3.19 -21.65
CA MET A 421 21.69 3.95 -22.06
C MET A 421 22.97 3.16 -21.79
#